data_3ECM
#
_entry.id   3ECM
#
_cell.length_a   76.261
_cell.length_b   132.661
_cell.length_c   101.517
_cell.angle_alpha   90.00
_cell.angle_beta   90.00
_cell.angle_gamma   90.00
#
_symmetry.space_group_name_H-M   'C 2 2 21'
#
loop_
_entity.id
_entity.type
_entity.pdbx_description
1 polymer "High affinity cAMP-specific and IBMX-insensitive 3',5'-cyclic phosphodiesterase 8A"
2 non-polymer 'ZINC ION'
3 non-polymer 'MAGNESIUM ION'
4 water water
#
_entity_poly.entity_id   1
_entity_poly.type   'polypeptide(L)'
_entity_poly.pdbx_seq_one_letter_code
;DDVPPRIARAMENEEYWDFDIFELEAATHNRPLIYLGLKMFARFGICEFLHCSESTLRSWLQIIEANYHSSNPYHNSTHS
ADVLHATAYFLSKERIKETLDPIDEVAALIAATIHDVDHPGRTNSFLCNAGSELAILYNDTAVLESHHAALAFQLTTGDD
KCNIFKNMERNDYRTLRQGIIDMVLATEMTKHFEHVNKFVNSINKPLATLEENGETDKNQEVINTMLRTPENRTLIKRML
IKCADVSNPCRPLQYCIEWAARISEEYFSQTDEEKQQGLPVVMPVFDRNTCSIPKSQISFIDYFITDMFDAWDAFVDLPD
LMQHLDNNFKYWKGLDEM
;
_entity_poly.pdbx_strand_id   A
#
loop_
_chem_comp.id
_chem_comp.type
_chem_comp.name
_chem_comp.formula
MG non-polymer 'MAGNESIUM ION' 'Mg 2'
ZN non-polymer 'ZINC ION' 'Zn 2'
#
# COMPACT_ATOMS: atom_id res chain seq x y z
N ASP A 1 2.32 -10.72 22.59
CA ASP A 1 3.25 -11.71 23.20
C ASP A 1 2.72 -13.13 23.03
N ASP A 2 1.98 -13.60 24.03
CA ASP A 2 1.40 -14.95 23.99
C ASP A 2 0.33 -15.03 22.92
N VAL A 3 0.76 -15.19 21.68
CA VAL A 3 -0.17 -15.29 20.55
C VAL A 3 -0.51 -16.76 20.31
N PRO A 4 -1.78 -17.07 20.07
CA PRO A 4 -2.13 -18.47 19.82
C PRO A 4 -1.19 -19.07 18.78
N PRO A 5 -0.60 -20.24 19.10
CA PRO A 5 0.34 -20.95 18.23
C PRO A 5 0.12 -20.86 16.72
N ARG A 6 -1.08 -21.19 16.25
CA ARG A 6 -1.34 -21.14 14.82
C ARG A 6 -1.06 -19.74 14.24
N ILE A 7 -1.44 -18.70 14.96
CA ILE A 7 -1.21 -17.34 14.50
C ILE A 7 0.28 -17.00 14.57
N ALA A 8 0.94 -17.47 15.63
CA ALA A 8 2.37 -17.23 15.79
C ALA A 8 3.11 -17.87 14.63
N ARG A 9 2.65 -19.04 14.21
CA ARG A 9 3.26 -19.75 13.10
C ARG A 9 3.03 -19.03 11.77
N ALA A 10 1.80 -18.59 11.54
CA ALA A 10 1.46 -17.88 10.31
C ALA A 10 2.28 -16.60 10.15
N MET A 11 2.81 -16.09 11.26
CA MET A 11 3.61 -14.87 11.20
C MET A 11 5.12 -15.10 11.30
N GLU A 12 5.53 -16.37 11.32
CA GLU A 12 6.94 -16.70 11.44
C GLU A 12 7.91 -15.99 10.50
N ASN A 13 7.75 -16.18 9.20
CA ASN A 13 8.68 -15.56 8.25
C ASN A 13 8.12 -14.34 7.53
N GLU A 14 7.67 -13.34 8.29
CA GLU A 14 7.11 -12.13 7.69
C GLU A 14 8.12 -11.20 7.04
N GLU A 15 9.41 -11.47 7.21
CA GLU A 15 10.42 -10.61 6.60
C GLU A 15 10.72 -11.06 5.18
N TYR A 16 10.19 -12.22 4.79
CA TYR A 16 10.40 -12.74 3.44
C TYR A 16 9.28 -12.27 2.51
N TRP A 17 9.60 -12.15 1.22
CA TRP A 17 8.60 -11.70 0.27
C TRP A 17 7.50 -12.75 0.11
N ASP A 18 7.90 -14.02 0.08
CA ASP A 18 6.95 -15.12 -0.04
C ASP A 18 6.39 -15.35 1.37
N PHE A 19 5.18 -14.86 1.60
CA PHE A 19 4.51 -14.93 2.89
C PHE A 19 3.05 -15.38 2.70
N ASP A 20 2.59 -16.35 3.47
CA ASP A 20 1.21 -16.80 3.31
C ASP A 20 0.24 -15.89 4.05
N ILE A 21 -0.10 -14.77 3.40
CA ILE A 21 -1.00 -13.78 3.96
C ILE A 21 -2.42 -14.33 4.17
N PHE A 22 -2.81 -15.30 3.36
CA PHE A 22 -4.14 -15.86 3.48
C PHE A 22 -4.26 -16.82 4.66
N GLU A 23 -3.16 -17.48 5.02
CA GLU A 23 -3.18 -18.38 6.18
C GLU A 23 -3.25 -17.47 7.41
N LEU A 24 -2.66 -16.28 7.31
CA LEU A 24 -2.71 -15.34 8.41
C LEU A 24 -4.17 -14.92 8.58
N GLU A 25 -4.81 -14.64 7.45
CA GLU A 25 -6.21 -14.23 7.42
C GLU A 25 -7.10 -15.30 8.07
N ALA A 26 -6.91 -16.54 7.65
CA ALA A 26 -7.69 -17.66 8.19
C ALA A 26 -7.38 -17.88 9.66
N ALA A 27 -6.10 -17.99 10.00
CA ALA A 27 -5.70 -18.22 11.39
C ALA A 27 -6.25 -17.16 12.33
N THR A 28 -6.19 -15.90 11.92
CA THR A 28 -6.67 -14.79 12.74
C THR A 28 -8.17 -14.54 12.66
N HIS A 29 -8.86 -15.29 11.80
CA HIS A 29 -10.30 -15.13 11.64
C HIS A 29 -10.64 -13.71 11.18
N ASN A 30 -9.99 -13.31 10.10
CA ASN A 30 -10.16 -11.99 9.49
C ASN A 30 -9.67 -10.81 10.33
N ARG A 31 -8.61 -11.02 11.09
CA ARG A 31 -8.02 -9.96 11.90
C ARG A 31 -6.50 -10.01 11.70
N PRO A 32 -6.04 -10.06 10.44
CA PRO A 32 -4.60 -10.11 10.18
C PRO A 32 -3.85 -8.83 10.49
N LEU A 33 -4.53 -7.70 10.38
CA LEU A 33 -3.91 -6.40 10.61
C LEU A 33 -3.42 -6.14 12.02
N ILE A 34 -4.21 -6.47 13.05
CA ILE A 34 -3.74 -6.23 14.41
C ILE A 34 -2.55 -7.11 14.76
N TYR A 35 -2.56 -8.36 14.30
CA TYR A 35 -1.46 -9.28 14.57
C TYR A 35 -0.19 -8.95 13.80
N LEU A 36 -0.31 -8.72 12.50
CA LEU A 36 0.88 -8.40 11.71
C LEU A 36 1.37 -7.01 12.10
N GLY A 37 0.43 -6.12 12.39
CA GLY A 37 0.79 -4.76 12.78
C GLY A 37 1.62 -4.76 14.05
N LEU A 38 1.21 -5.55 15.03
CA LEU A 38 1.94 -5.62 16.30
C LEU A 38 3.36 -6.12 16.12
N LYS A 39 3.53 -7.21 15.39
CA LYS A 39 4.86 -7.77 15.17
C LYS A 39 5.75 -6.83 14.36
N MET A 40 5.20 -6.24 13.30
CA MET A 40 5.96 -5.32 12.46
C MET A 40 6.37 -4.08 13.24
N PHE A 41 5.39 -3.42 13.86
CA PHE A 41 5.67 -2.21 14.63
C PHE A 41 6.71 -2.46 15.72
N ALA A 42 6.69 -3.66 16.28
CA ALA A 42 7.65 -4.01 17.31
C ALA A 42 9.02 -4.15 16.65
N ARG A 43 9.07 -4.95 15.58
CA ARG A 43 10.33 -5.15 14.87
C ARG A 43 10.96 -3.81 14.49
N PHE A 44 10.13 -2.83 14.15
CA PHE A 44 10.64 -1.50 13.79
C PHE A 44 10.72 -0.58 15.01
N GLY A 45 10.27 -1.08 16.16
CA GLY A 45 10.30 -0.30 17.38
C GLY A 45 9.62 1.04 17.27
N ILE A 46 8.37 1.04 16.83
CA ILE A 46 7.62 2.26 16.63
C ILE A 46 7.10 2.96 17.89
N CYS A 47 6.56 2.22 18.85
CA CYS A 47 6.09 2.91 20.06
C CYS A 47 7.28 3.47 20.82
N GLU A 48 8.41 2.80 20.70
CA GLU A 48 9.63 3.24 21.37
C GLU A 48 10.08 4.53 20.69
N PHE A 49 9.46 4.83 19.55
CA PHE A 49 9.76 6.03 18.78
C PHE A 49 8.71 7.10 19.04
N LEU A 50 7.44 6.68 19.08
CA LEU A 50 6.33 7.60 19.32
C LEU A 50 6.05 7.72 20.81
N HIS A 51 6.74 6.90 21.60
CA HIS A 51 6.55 6.89 23.03
C HIS A 51 5.13 6.47 23.39
N CYS A 52 4.73 5.29 22.91
CA CYS A 52 3.41 4.76 23.23
C CYS A 52 3.52 3.37 23.80
N SER A 53 2.50 2.96 24.54
CA SER A 53 2.49 1.64 25.15
C SER A 53 1.92 0.63 24.17
N GLU A 54 2.35 -0.62 24.31
CA GLU A 54 1.86 -1.68 23.44
C GLU A 54 0.35 -1.72 23.58
N SER A 55 -0.13 -1.25 24.73
CA SER A 55 -1.56 -1.23 25.01
C SER A 55 -2.26 -0.20 24.13
N THR A 56 -1.65 0.97 23.99
CA THR A 56 -2.22 2.02 23.17
C THR A 56 -2.17 1.60 21.70
N LEU A 57 -1.10 0.92 21.31
CA LEU A 57 -0.95 0.46 19.94
C LEU A 57 -2.01 -0.58 19.61
N ARG A 58 -2.19 -1.54 20.51
CA ARG A 58 -3.19 -2.59 20.31
C ARG A 58 -4.58 -1.99 20.08
N SER A 59 -4.94 -1.00 20.89
CA SER A 59 -6.24 -0.36 20.76
C SER A 59 -6.35 0.37 19.43
N TRP A 60 -5.25 0.99 19.00
CA TRP A 60 -5.23 1.73 17.75
C TRP A 60 -5.43 0.80 16.55
N LEU A 61 -4.66 -0.29 16.51
CA LEU A 61 -4.76 -1.27 15.44
C LEU A 61 -6.15 -1.89 15.42
N GLN A 62 -6.72 -2.09 16.61
CA GLN A 62 -8.05 -2.68 16.71
C GLN A 62 -9.12 -1.79 16.09
N ILE A 63 -9.07 -0.49 16.38
CA ILE A 63 -10.07 0.40 15.83
C ILE A 63 -9.88 0.63 14.33
N ILE A 64 -8.64 0.57 13.87
CA ILE A 64 -8.38 0.75 12.44
C ILE A 64 -8.93 -0.47 11.70
N GLU A 65 -8.51 -1.65 12.12
CA GLU A 65 -8.97 -2.88 11.47
C GLU A 65 -10.49 -2.99 11.52
N ALA A 66 -11.09 -2.58 12.64
CA ALA A 66 -12.53 -2.63 12.78
C ALA A 66 -13.22 -1.76 11.74
N ASN A 67 -12.52 -0.74 11.26
CA ASN A 67 -13.12 0.14 10.27
C ASN A 67 -12.86 -0.28 8.81
N TYR A 68 -12.21 -1.42 8.61
CA TYR A 68 -12.01 -1.95 7.26
C TYR A 68 -13.20 -2.90 7.10
N HIS A 69 -13.92 -2.81 5.98
CA HIS A 69 -15.11 -3.64 5.77
C HIS A 69 -14.81 -5.08 5.37
N SER A 70 -15.08 -6.03 6.26
CA SER A 70 -14.83 -7.44 5.97
C SER A 70 -15.69 -7.93 4.80
N SER A 71 -16.82 -7.27 4.60
CA SER A 71 -17.74 -7.64 3.52
C SER A 71 -17.17 -7.33 2.13
N ASN A 72 -16.13 -6.49 2.05
CA ASN A 72 -15.53 -6.17 0.76
C ASN A 72 -14.69 -7.36 0.31
N PRO A 73 -14.83 -7.78 -0.96
CA PRO A 73 -14.04 -8.91 -1.45
C PRO A 73 -12.54 -8.59 -1.42
N TYR A 74 -12.17 -7.37 -1.80
CA TYR A 74 -10.77 -6.98 -1.83
C TYR A 74 -10.33 -6.01 -0.74
N HIS A 75 -10.96 -4.84 -0.70
CA HIS A 75 -10.58 -3.81 0.26
C HIS A 75 -11.04 -4.04 1.70
N ASN A 76 -10.54 -5.12 2.30
CA ASN A 76 -10.83 -5.46 3.68
C ASN A 76 -9.48 -5.37 4.37
N SER A 77 -9.43 -5.65 5.67
CA SER A 77 -8.16 -5.52 6.40
C SER A 77 -7.04 -6.43 5.93
N THR A 78 -7.35 -7.48 5.18
CA THR A 78 -6.29 -8.37 4.70
C THR A 78 -5.46 -7.64 3.64
N HIS A 79 -6.11 -6.85 2.78
CA HIS A 79 -5.38 -6.08 1.77
C HIS A 79 -4.39 -5.13 2.46
N SER A 80 -4.82 -4.45 3.51
CA SER A 80 -3.92 -3.54 4.19
C SER A 80 -2.79 -4.26 4.91
N ALA A 81 -3.09 -5.43 5.47
CA ALA A 81 -2.04 -6.20 6.15
C ALA A 81 -1.01 -6.57 5.09
N ASP A 82 -1.49 -6.91 3.90
CA ASP A 82 -0.63 -7.26 2.78
C ASP A 82 0.22 -6.08 2.34
N VAL A 83 -0.41 -4.90 2.24
CA VAL A 83 0.32 -3.71 1.83
C VAL A 83 1.32 -3.33 2.91
N LEU A 84 0.96 -3.58 4.16
CA LEU A 84 1.85 -3.30 5.29
C LEU A 84 3.07 -4.20 5.16
N HIS A 85 2.83 -5.46 4.82
CA HIS A 85 3.91 -6.43 4.64
C HIS A 85 4.89 -6.00 3.53
N ALA A 86 4.33 -5.61 2.39
CA ALA A 86 5.17 -5.16 1.27
C ALA A 86 5.95 -3.90 1.64
N THR A 87 5.33 -3.03 2.41
CA THR A 87 5.96 -1.78 2.84
C THR A 87 7.18 -2.07 3.72
N ALA A 88 7.03 -2.99 4.66
CA ALA A 88 8.12 -3.37 5.56
C ALA A 88 9.25 -4.00 4.75
N TYR A 89 8.88 -4.83 3.78
CA TYR A 89 9.88 -5.48 2.93
C TYR A 89 10.73 -4.43 2.21
N PHE A 90 10.08 -3.37 1.73
CA PHE A 90 10.79 -2.29 1.01
C PHE A 90 11.63 -1.44 1.96
N LEU A 91 11.10 -1.17 3.15
CA LEU A 91 11.83 -0.38 4.13
C LEU A 91 13.08 -1.14 4.56
N SER A 92 13.01 -2.46 4.47
CA SER A 92 14.11 -3.31 4.87
C SER A 92 15.23 -3.43 3.84
N LYS A 93 15.07 -2.80 2.68
CA LYS A 93 16.09 -2.85 1.64
C LYS A 93 17.20 -1.82 1.91
N GLU A 94 18.43 -2.21 1.63
CA GLU A 94 19.57 -1.32 1.86
C GLU A 94 19.37 0.07 1.30
N ARG A 95 19.03 0.15 0.01
CA ARG A 95 18.83 1.43 -0.64
C ARG A 95 17.86 2.32 0.14
N ILE A 96 16.77 1.74 0.60
CA ILE A 96 15.77 2.48 1.35
C ILE A 96 16.24 2.79 2.76
N LYS A 97 16.92 1.83 3.37
CA LYS A 97 17.41 2.00 4.74
C LYS A 97 18.44 3.14 4.78
N GLU A 98 19.26 3.23 3.74
CA GLU A 98 20.29 4.26 3.68
C GLU A 98 19.83 5.55 3.03
N THR A 99 18.54 5.72 2.81
CA THR A 99 18.03 6.93 2.19
C THR A 99 16.95 7.63 3.02
N LEU A 100 16.04 6.84 3.59
CA LEU A 100 14.97 7.40 4.39
C LEU A 100 15.36 7.46 5.87
N ASP A 101 14.71 8.34 6.62
CA ASP A 101 14.99 8.47 8.05
C ASP A 101 13.93 7.72 8.85
N PRO A 102 14.27 7.32 10.09
CA PRO A 102 13.32 6.59 10.95
C PRO A 102 11.91 7.14 10.95
N ILE A 103 11.78 8.46 10.93
CA ILE A 103 10.48 9.10 10.93
C ILE A 103 9.73 8.80 9.62
N ASP A 104 10.48 8.64 8.54
CA ASP A 104 9.88 8.33 7.24
C ASP A 104 9.36 6.90 7.32
N GLU A 105 10.14 6.04 7.96
CA GLU A 105 9.76 4.64 8.12
C GLU A 105 8.47 4.56 8.91
N VAL A 106 8.38 5.37 9.95
CA VAL A 106 7.20 5.40 10.79
C VAL A 106 6.00 5.83 9.96
N ALA A 107 6.17 6.88 9.18
CA ALA A 107 5.09 7.40 8.35
C ALA A 107 4.62 6.35 7.36
N ALA A 108 5.58 5.62 6.78
CA ALA A 108 5.27 4.60 5.80
C ALA A 108 4.49 3.41 6.38
N LEU A 109 4.93 2.89 7.53
CA LEU A 109 4.25 1.75 8.13
C LEU A 109 2.83 2.12 8.58
N ILE A 110 2.66 3.34 9.06
CA ILE A 110 1.35 3.81 9.50
C ILE A 110 0.45 4.10 8.30
N ALA A 111 1.03 4.67 7.25
CA ALA A 111 0.26 4.98 6.05
C ALA A 111 -0.31 3.70 5.44
N ALA A 112 0.53 2.67 5.33
CA ALA A 112 0.10 1.40 4.78
C ALA A 112 -1.08 0.86 5.57
N THR A 113 -0.93 0.84 6.88
CA THR A 113 -1.95 0.34 7.77
C THR A 113 -3.31 0.99 7.58
N ILE A 114 -3.32 2.32 7.45
CA ILE A 114 -4.57 3.07 7.32
C ILE A 114 -4.99 3.51 5.93
N HIS A 115 -4.10 3.38 4.95
CA HIS A 115 -4.38 3.89 3.60
C HIS A 115 -5.71 3.58 2.90
N ASP A 116 -6.44 2.58 3.36
CA ASP A 116 -7.73 2.25 2.74
C ASP A 116 -8.87 2.09 3.75
N VAL A 117 -8.67 2.59 4.97
CA VAL A 117 -9.67 2.45 6.02
C VAL A 117 -11.06 2.95 5.65
N ASP A 118 -12.06 2.14 5.97
CA ASP A 118 -13.46 2.44 5.67
C ASP A 118 -13.76 2.54 4.18
N HIS A 119 -12.94 1.86 3.37
CA HIS A 119 -13.16 1.83 1.92
C HIS A 119 -14.52 1.13 1.74
N PRO A 120 -15.39 1.67 0.86
CA PRO A 120 -16.71 1.07 0.62
C PRO A 120 -16.82 0.04 -0.53
N GLY A 121 -15.68 -0.31 -1.12
CA GLY A 121 -15.70 -1.30 -2.20
C GLY A 121 -16.23 -0.75 -3.49
N ARG A 122 -16.12 0.56 -3.64
CA ARG A 122 -16.57 1.29 -4.83
C ARG A 122 -15.49 2.32 -5.16
N THR A 123 -15.28 2.59 -6.45
CA THR A 123 -14.27 3.55 -6.86
C THR A 123 -14.71 5.01 -6.64
N ASN A 124 -13.77 5.94 -6.73
CA ASN A 124 -14.10 7.35 -6.56
C ASN A 124 -15.16 7.77 -7.58
N SER A 125 -14.97 7.32 -8.82
CA SER A 125 -15.89 7.63 -9.92
C SER A 125 -17.32 7.23 -9.60
N PHE A 126 -17.49 6.12 -8.91
CA PHE A 126 -18.83 5.66 -8.55
C PHE A 126 -19.44 6.60 -7.52
N LEU A 127 -18.69 6.91 -6.47
CA LEU A 127 -19.16 7.82 -5.43
C LEU A 127 -19.55 9.17 -6.00
N CYS A 128 -18.79 9.65 -6.99
CA CYS A 128 -19.08 10.93 -7.61
C CYS A 128 -20.35 10.89 -8.44
N ASN A 129 -20.43 9.93 -9.37
CA ASN A 129 -21.61 9.81 -10.21
C ASN A 129 -22.89 9.58 -9.39
N ALA A 130 -22.74 8.98 -8.22
CA ALA A 130 -23.87 8.70 -7.36
C ALA A 130 -24.22 9.85 -6.43
N GLY A 131 -23.38 10.89 -6.43
CA GLY A 131 -23.63 12.03 -5.56
C GLY A 131 -23.56 11.58 -4.12
N SER A 132 -22.71 10.59 -3.86
CA SER A 132 -22.53 10.03 -2.52
C SER A 132 -22.13 11.10 -1.51
N GLU A 133 -22.44 10.85 -0.24
CA GLU A 133 -22.12 11.78 0.84
C GLU A 133 -20.64 12.16 0.86
N LEU A 134 -19.79 11.16 0.72
CA LEU A 134 -18.36 11.41 0.72
C LEU A 134 -17.93 12.26 -0.46
N ALA A 135 -18.54 12.03 -1.62
CA ALA A 135 -18.17 12.80 -2.80
C ALA A 135 -18.56 14.27 -2.58
N ILE A 136 -19.73 14.49 -1.98
CA ILE A 136 -20.18 15.85 -1.72
C ILE A 136 -19.29 16.50 -0.65
N LEU A 137 -18.87 15.71 0.32
CA LEU A 137 -18.00 16.19 1.40
C LEU A 137 -16.62 16.59 0.89
N TYR A 138 -16.10 15.85 -0.09
CA TYR A 138 -14.79 16.14 -0.65
C TYR A 138 -14.78 16.76 -2.04
N ASN A 139 -15.91 17.34 -2.42
CA ASN A 139 -16.05 18.01 -3.71
C ASN A 139 -15.53 17.20 -4.89
N ASP A 140 -15.92 15.93 -4.94
CA ASP A 140 -15.54 15.02 -6.00
C ASP A 140 -14.04 14.96 -6.25
N THR A 141 -13.23 15.33 -5.27
CA THR A 141 -11.78 15.34 -5.42
C THR A 141 -11.08 14.36 -4.47
N ALA A 142 -10.31 13.43 -5.03
CA ALA A 142 -9.59 12.43 -4.25
C ALA A 142 -10.48 11.98 -3.09
N VAL A 143 -11.73 11.71 -3.42
CA VAL A 143 -12.73 11.34 -2.42
C VAL A 143 -12.35 10.27 -1.38
N LEU A 144 -12.02 9.07 -1.83
CA LEU A 144 -11.70 8.02 -0.87
C LEU A 144 -10.39 8.22 -0.11
N GLU A 145 -9.35 8.64 -0.82
CA GLU A 145 -8.05 8.85 -0.19
C GLU A 145 -8.13 9.91 0.91
N SER A 146 -8.87 10.99 0.64
CA SER A 146 -9.02 12.05 1.63
C SER A 146 -9.75 11.46 2.83
N HIS A 147 -10.78 10.66 2.56
CA HIS A 147 -11.54 10.03 3.63
C HIS A 147 -10.70 9.05 4.45
N HIS A 148 -9.86 8.25 3.81
CA HIS A 148 -9.04 7.28 4.54
C HIS A 148 -8.14 8.01 5.54
N ALA A 149 -7.46 9.05 5.07
CA ALA A 149 -6.55 9.81 5.93
C ALA A 149 -7.31 10.50 7.05
N ALA A 150 -8.38 11.22 6.70
CA ALA A 150 -9.16 11.96 7.67
C ALA A 150 -9.78 11.06 8.74
N LEU A 151 -10.47 10.01 8.33
CA LEU A 151 -11.08 9.12 9.30
C LEU A 151 -10.02 8.53 10.23
N ALA A 152 -8.87 8.15 9.66
CA ALA A 152 -7.80 7.57 10.47
C ALA A 152 -7.35 8.50 11.58
N PHE A 153 -7.20 9.79 11.26
CA PHE A 153 -6.78 10.72 12.29
C PHE A 153 -7.90 10.99 13.29
N GLN A 154 -9.14 10.97 12.82
CA GLN A 154 -10.28 11.20 13.70
C GLN A 154 -10.37 10.06 14.73
N LEU A 155 -10.22 8.82 14.26
CA LEU A 155 -10.28 7.66 15.14
C LEU A 155 -9.10 7.60 16.09
N THR A 156 -7.94 8.01 15.61
CA THR A 156 -6.71 7.98 16.41
C THR A 156 -6.68 8.99 17.55
N THR A 157 -6.90 10.25 17.22
CA THR A 157 -6.86 11.32 18.21
C THR A 157 -8.19 11.61 18.90
N GLY A 158 -9.23 10.89 18.50
CA GLY A 158 -10.54 11.11 19.09
C GLY A 158 -10.74 10.40 20.42
N ASP A 159 -9.84 9.46 20.73
CA ASP A 159 -9.91 8.70 21.97
C ASP A 159 -8.50 8.51 22.52
N ASP A 160 -8.28 8.99 23.75
CA ASP A 160 -6.99 8.91 24.42
C ASP A 160 -6.28 7.57 24.35
N LYS A 161 -7.00 6.49 24.60
CA LYS A 161 -6.37 5.17 24.58
C LYS A 161 -6.02 4.66 23.19
N CYS A 162 -6.45 5.35 22.15
CA CYS A 162 -6.16 4.95 20.77
C CYS A 162 -5.09 5.86 20.16
N ASN A 163 -4.99 7.07 20.68
CA ASN A 163 -4.04 8.05 20.18
C ASN A 163 -2.57 7.67 20.38
N ILE A 164 -1.99 7.03 19.37
CA ILE A 164 -0.59 6.62 19.43
C ILE A 164 0.34 7.82 19.27
N PHE A 165 -0.24 8.99 19.00
CA PHE A 165 0.54 10.21 18.82
C PHE A 165 0.51 11.09 20.07
N LYS A 166 -0.25 10.67 21.08
CA LYS A 166 -0.41 11.42 22.32
C LYS A 166 0.88 11.96 22.96
N ASN A 167 1.90 11.11 23.07
CA ASN A 167 3.15 11.52 23.70
C ASN A 167 4.23 12.07 22.76
N MET A 168 3.81 12.79 21.72
CA MET A 168 4.76 13.38 20.76
C MET A 168 4.87 14.89 20.93
N GLU A 169 5.96 15.45 20.42
CA GLU A 169 6.17 16.89 20.48
C GLU A 169 5.47 17.48 19.25
N ARG A 170 4.63 18.48 19.48
CA ARG A 170 3.87 19.12 18.41
C ARG A 170 4.60 19.18 17.07
N ASN A 171 5.88 19.57 17.09
CA ASN A 171 6.66 19.66 15.86
C ASN A 171 6.87 18.33 15.16
N ASP A 172 7.43 17.36 15.90
CA ASP A 172 7.66 16.04 15.34
C ASP A 172 6.36 15.44 14.82
N TYR A 173 5.30 15.62 15.59
CA TYR A 173 3.99 15.09 15.20
C TYR A 173 3.52 15.73 13.90
N ARG A 174 3.65 17.06 13.83
CA ARG A 174 3.25 17.79 12.63
C ARG A 174 3.96 17.27 11.41
N THR A 175 5.25 16.99 11.55
CA THR A 175 6.06 16.47 10.45
C THR A 175 5.60 15.06 10.08
N LEU A 176 5.31 14.25 11.09
CA LEU A 176 4.86 12.87 10.87
C LEU A 176 3.47 12.85 10.24
N ARG A 177 2.59 13.73 10.71
CA ARG A 177 1.23 13.80 10.19
C ARG A 177 1.21 14.19 8.72
N GLN A 178 2.01 15.19 8.34
CA GLN A 178 2.08 15.62 6.95
C GLN A 178 2.62 14.51 6.07
N GLY A 179 3.61 13.78 6.58
CA GLY A 179 4.20 12.68 5.84
C GLY A 179 3.24 11.54 5.62
N ILE A 180 2.45 11.21 6.64
CA ILE A 180 1.46 10.14 6.52
C ILE A 180 0.39 10.54 5.53
N ILE A 181 -0.12 11.77 5.66
CA ILE A 181 -1.16 12.26 4.77
C ILE A 181 -0.70 12.23 3.31
N ASP A 182 0.52 12.69 3.06
CA ASP A 182 1.06 12.72 1.71
C ASP A 182 1.08 11.31 1.08
N MET A 183 1.56 10.33 1.83
CA MET A 183 1.60 8.97 1.30
C MET A 183 0.20 8.42 1.01
N VAL A 184 -0.75 8.67 1.91
CA VAL A 184 -2.11 8.18 1.68
C VAL A 184 -2.71 8.82 0.43
N LEU A 185 -2.53 10.12 0.26
CA LEU A 185 -3.08 10.82 -0.90
C LEU A 185 -2.40 10.37 -2.19
N ALA A 186 -1.15 9.95 -2.08
CA ALA A 186 -0.38 9.51 -3.24
C ALA A 186 -0.90 8.20 -3.83
N THR A 187 -1.81 7.52 -3.12
CA THR A 187 -2.35 6.25 -3.60
C THR A 187 -3.52 6.44 -4.58
N GLU A 188 -3.97 7.68 -4.76
CA GLU A 188 -5.06 7.94 -5.70
C GLU A 188 -4.51 7.68 -7.11
N MET A 189 -5.13 6.74 -7.83
CA MET A 189 -4.63 6.38 -9.15
C MET A 189 -4.63 7.41 -10.28
N THR A 190 -5.53 8.39 -10.25
CA THR A 190 -5.55 9.40 -11.29
C THR A 190 -4.19 10.07 -11.40
N LYS A 191 -3.44 10.08 -10.31
CA LYS A 191 -2.12 10.71 -10.30
C LYS A 191 -0.98 9.70 -10.48
N HIS A 192 -1.32 8.48 -10.89
CA HIS A 192 -0.32 7.43 -11.06
C HIS A 192 0.92 7.82 -11.86
N PHE A 193 0.72 8.17 -13.13
CA PHE A 193 1.84 8.51 -13.98
C PHE A 193 2.60 9.76 -13.53
N GLU A 194 1.88 10.71 -12.95
CA GLU A 194 2.52 11.92 -12.45
C GLU A 194 3.57 11.51 -11.40
N HIS A 195 3.16 10.70 -10.43
CA HIS A 195 4.08 10.26 -9.37
C HIS A 195 5.21 9.39 -9.90
N VAL A 196 4.90 8.49 -10.81
CA VAL A 196 5.92 7.61 -11.37
C VAL A 196 6.93 8.41 -12.19
N ASN A 197 6.44 9.27 -13.08
CA ASN A 197 7.34 10.06 -13.91
C ASN A 197 8.25 10.98 -13.08
N LYS A 198 7.72 11.54 -12.00
CA LYS A 198 8.54 12.40 -11.15
C LYS A 198 9.64 11.58 -10.48
N PHE A 199 9.30 10.35 -10.10
CA PHE A 199 10.28 9.47 -9.48
C PHE A 199 11.39 9.15 -10.47
N VAL A 200 11.00 8.82 -11.70
CA VAL A 200 11.98 8.52 -12.73
C VAL A 200 12.86 9.72 -13.06
N ASN A 201 12.23 10.89 -13.25
CA ASN A 201 12.95 12.11 -13.61
C ASN A 201 13.83 12.72 -12.52
N SER A 202 13.41 12.61 -11.27
CA SER A 202 14.17 13.19 -10.17
C SER A 202 15.06 12.21 -9.41
N ILE A 203 14.82 10.92 -9.60
CA ILE A 203 15.60 9.93 -8.88
C ILE A 203 16.41 8.98 -9.78
N ASN A 204 15.74 8.16 -10.58
CA ASN A 204 16.46 7.23 -11.43
C ASN A 204 17.39 7.85 -12.47
N LYS A 205 16.92 8.85 -13.20
CA LYS A 205 17.76 9.46 -14.22
C LYS A 205 18.98 10.17 -13.62
N PRO A 206 18.76 11.08 -12.66
CA PRO A 206 19.92 11.77 -12.08
C PRO A 206 20.91 10.78 -11.47
N LEU A 207 20.38 9.78 -10.76
CA LEU A 207 21.22 8.77 -10.11
C LEU A 207 22.04 7.97 -11.12
N ALA A 208 21.42 7.65 -12.26
CA ALA A 208 22.11 6.89 -13.30
C ALA A 208 23.23 7.74 -13.88
N THR A 209 23.00 9.04 -13.95
CA THR A 209 23.98 9.97 -14.48
C THR A 209 25.22 10.01 -13.56
N LEU A 210 24.99 9.95 -12.26
CA LEU A 210 26.08 9.99 -11.27
C LEU A 210 26.82 8.67 -11.16
N GLU A 211 26.10 7.56 -11.32
CA GLU A 211 26.71 6.24 -11.22
C GLU A 211 27.65 5.95 -12.38
N GLU A 212 27.97 6.98 -13.16
CA GLU A 212 28.87 6.83 -14.29
C GLU A 212 30.26 7.28 -13.85
N ASN A 213 30.30 8.27 -12.97
CA ASN A 213 31.56 8.81 -12.47
C ASN A 213 32.37 7.76 -11.73
N GLY A 214 31.73 6.64 -11.42
CA GLY A 214 32.41 5.57 -10.72
C GLY A 214 32.04 5.49 -9.25
N GLU A 215 32.62 4.51 -8.56
CA GLU A 215 32.35 4.31 -7.14
C GLU A 215 33.29 5.13 -6.27
N THR A 216 33.36 6.43 -6.54
CA THR A 216 34.22 7.32 -5.78
C THR A 216 33.56 7.61 -4.43
N ASP A 217 34.36 7.61 -3.37
CA ASP A 217 33.85 7.90 -2.04
C ASP A 217 33.28 9.30 -2.05
N LYS A 218 33.88 10.16 -2.88
CA LYS A 218 33.45 11.54 -3.02
C LYS A 218 32.22 11.57 -3.91
N ASN A 219 32.05 10.51 -4.69
CA ASN A 219 30.91 10.39 -5.60
C ASN A 219 29.70 9.86 -4.82
N GLN A 220 29.95 8.95 -3.89
CA GLN A 220 28.89 8.38 -3.07
C GLN A 220 28.19 9.45 -2.25
N GLU A 221 28.98 10.32 -1.62
CA GLU A 221 28.42 11.39 -0.81
C GLU A 221 27.55 12.28 -1.68
N VAL A 222 27.96 12.48 -2.92
CA VAL A 222 27.19 13.30 -3.85
C VAL A 222 25.83 12.66 -4.07
N ILE A 223 25.82 11.34 -4.19
CA ILE A 223 24.59 10.58 -4.39
C ILE A 223 23.77 10.58 -3.11
N ASN A 224 24.41 10.23 -1.99
CA ASN A 224 23.74 10.21 -0.70
C ASN A 224 23.10 11.57 -0.42
N THR A 225 23.84 12.63 -0.71
CA THR A 225 23.36 13.98 -0.49
C THR A 225 22.17 14.33 -1.36
N MET A 226 22.24 13.92 -2.63
CA MET A 226 21.17 14.19 -3.59
C MET A 226 19.86 13.47 -3.26
N LEU A 227 19.95 12.20 -2.89
CA LEU A 227 18.77 11.40 -2.58
C LEU A 227 18.15 11.65 -1.21
N ARG A 228 18.83 12.41 -0.36
CA ARG A 228 18.32 12.66 0.97
C ARG A 228 17.61 13.99 1.17
N THR A 229 17.45 14.76 0.11
CA THR A 229 16.76 16.03 0.24
C THR A 229 15.32 15.72 0.61
N PRO A 230 14.65 16.64 1.32
CA PRO A 230 13.26 16.42 1.72
C PRO A 230 12.38 16.14 0.52
N GLU A 231 12.67 16.78 -0.60
CA GLU A 231 11.89 16.60 -1.81
C GLU A 231 11.98 15.19 -2.35
N ASN A 232 13.21 14.67 -2.45
CA ASN A 232 13.40 13.33 -2.96
C ASN A 232 12.96 12.24 -2.00
N ARG A 233 13.09 12.48 -0.70
CA ARG A 233 12.64 11.48 0.26
C ARG A 233 11.12 11.33 0.12
N THR A 234 10.46 12.45 -0.17
CA THR A 234 9.00 12.47 -0.37
C THR A 234 8.59 11.70 -1.62
N LEU A 235 9.38 11.84 -2.68
CA LEU A 235 9.11 11.15 -3.94
C LEU A 235 9.37 9.66 -3.79
N ILE A 236 10.37 9.33 -2.98
CA ILE A 236 10.71 7.94 -2.75
C ILE A 236 9.62 7.28 -1.91
N LYS A 237 9.10 8.01 -0.94
CA LYS A 237 8.05 7.51 -0.07
C LYS A 237 6.79 7.30 -0.88
N ARG A 238 6.51 8.23 -1.79
CA ARG A 238 5.31 8.14 -2.62
C ARG A 238 5.43 6.89 -3.50
N MET A 239 6.61 6.69 -4.07
CA MET A 239 6.83 5.53 -4.94
C MET A 239 6.71 4.25 -4.12
N LEU A 240 7.27 4.26 -2.91
CA LEU A 240 7.24 3.07 -2.05
C LEU A 240 5.82 2.61 -1.69
N ILE A 241 4.96 3.53 -1.27
CA ILE A 241 3.60 3.17 -0.90
C ILE A 241 2.78 2.78 -2.14
N LYS A 242 3.02 3.45 -3.26
CA LYS A 242 2.29 3.12 -4.48
C LYS A 242 2.63 1.70 -4.93
N CYS A 243 3.91 1.35 -4.93
CA CYS A 243 4.33 0.02 -5.33
C CYS A 243 3.83 -1.05 -4.36
N ALA A 244 3.79 -0.73 -3.07
CA ALA A 244 3.31 -1.71 -2.09
C ALA A 244 1.81 -1.92 -2.31
N ASP A 245 1.09 -0.84 -2.59
CA ASP A 245 -0.36 -0.87 -2.80
C ASP A 245 -0.78 -1.77 -3.97
N VAL A 246 0.01 -1.80 -5.05
CA VAL A 246 -0.36 -2.62 -6.19
C VAL A 246 0.69 -3.68 -6.49
N SER A 247 1.18 -4.31 -5.43
CA SER A 247 2.21 -5.32 -5.56
C SER A 247 1.70 -6.75 -5.78
N ASN A 248 0.39 -6.93 -5.89
CA ASN A 248 -0.18 -8.27 -6.07
C ASN A 248 0.46 -9.06 -7.21
N PRO A 249 0.59 -8.45 -8.41
CA PRO A 249 1.19 -9.14 -9.57
C PRO A 249 2.64 -9.57 -9.37
N CYS A 250 3.27 -9.09 -8.30
CA CYS A 250 4.67 -9.46 -8.04
C CYS A 250 4.78 -10.49 -6.93
N ARG A 251 3.65 -11.08 -6.55
CA ARG A 251 3.61 -12.09 -5.50
C ARG A 251 3.65 -13.50 -6.07
N PRO A 252 3.88 -14.51 -5.21
CA PRO A 252 3.90 -15.90 -5.64
C PRO A 252 2.58 -16.16 -6.38
N LEU A 253 2.64 -16.84 -7.51
CA LEU A 253 1.48 -17.12 -8.35
C LEU A 253 0.16 -17.44 -7.64
N GLN A 254 0.20 -18.31 -6.64
CA GLN A 254 -1.01 -18.67 -5.92
C GLN A 254 -1.71 -17.44 -5.34
N TYR A 255 -0.94 -16.56 -4.73
CA TYR A 255 -1.48 -15.34 -4.11
C TYR A 255 -1.94 -14.34 -5.17
N CYS A 256 -1.14 -14.19 -6.22
CA CYS A 256 -1.46 -13.30 -7.32
C CYS A 256 -2.85 -13.62 -7.87
N ILE A 257 -3.12 -14.90 -8.04
CA ILE A 257 -4.41 -15.36 -8.57
C ILE A 257 -5.55 -15.03 -7.63
N GLU A 258 -5.35 -15.22 -6.33
CA GLU A 258 -6.38 -14.94 -5.34
C GLU A 258 -6.72 -13.44 -5.32
N TRP A 259 -5.70 -12.59 -5.38
CA TRP A 259 -5.92 -11.14 -5.37
C TRP A 259 -6.69 -10.71 -6.61
N ALA A 260 -6.40 -11.33 -7.76
CA ALA A 260 -7.09 -11.00 -9.00
C ALA A 260 -8.57 -11.37 -8.88
N ALA A 261 -8.83 -12.50 -8.25
CA ALA A 261 -10.21 -12.95 -8.05
C ALA A 261 -10.96 -11.96 -7.16
N ARG A 262 -10.31 -11.54 -6.08
CA ARG A 262 -10.93 -10.63 -5.13
C ARG A 262 -11.24 -9.25 -5.70
N ILE A 263 -10.25 -8.62 -6.33
CA ILE A 263 -10.50 -7.30 -6.89
C ILE A 263 -11.51 -7.37 -8.03
N SER A 264 -11.47 -8.48 -8.79
CA SER A 264 -12.42 -8.65 -9.90
C SER A 264 -13.86 -8.68 -9.39
N GLU A 265 -14.11 -9.48 -8.36
CA GLU A 265 -15.45 -9.57 -7.79
C GLU A 265 -15.93 -8.21 -7.27
N GLU A 266 -15.02 -7.46 -6.65
CA GLU A 266 -15.37 -6.16 -6.12
C GLU A 266 -15.79 -5.25 -7.28
N TYR A 267 -15.01 -5.26 -8.36
CA TYR A 267 -15.34 -4.45 -9.53
C TYR A 267 -16.64 -4.91 -10.20
N PHE A 268 -16.84 -6.23 -10.29
CA PHE A 268 -18.05 -6.78 -10.91
C PHE A 268 -19.30 -6.30 -10.18
N SER A 269 -19.25 -6.31 -8.84
CA SER A 269 -20.37 -5.86 -8.03
C SER A 269 -20.74 -4.42 -8.35
N GLN A 270 -19.72 -3.56 -8.47
CA GLN A 270 -19.96 -2.17 -8.77
C GLN A 270 -20.67 -2.03 -10.10
N THR A 271 -20.18 -2.75 -11.11
CA THR A 271 -20.77 -2.70 -12.44
C THR A 271 -22.25 -3.12 -12.39
N ASP A 272 -22.55 -4.15 -11.62
CA ASP A 272 -23.93 -4.61 -11.51
C ASP A 272 -24.81 -3.54 -10.86
N GLU A 273 -24.27 -2.84 -9.88
CA GLU A 273 -25.03 -1.80 -9.20
C GLU A 273 -25.22 -0.56 -10.06
N GLU A 274 -24.20 -0.20 -10.84
CA GLU A 274 -24.29 0.98 -11.71
C GLU A 274 -25.41 0.83 -12.72
N LYS A 275 -25.44 -0.31 -13.41
CA LYS A 275 -26.47 -0.57 -14.42
C LYS A 275 -27.85 -0.63 -13.76
N GLN A 276 -27.87 -1.09 -12.52
CA GLN A 276 -29.13 -1.19 -11.77
C GLN A 276 -29.67 0.21 -11.51
N GLN A 277 -28.94 0.99 -10.71
CA GLN A 277 -29.35 2.36 -10.38
C GLN A 277 -29.43 3.23 -11.63
N GLY A 278 -28.93 2.72 -12.75
CA GLY A 278 -28.96 3.47 -13.98
C GLY A 278 -27.78 4.43 -14.08
N LEU A 279 -26.93 4.44 -13.06
CA LEU A 279 -25.75 5.30 -13.03
C LEU A 279 -24.83 4.96 -14.20
N PRO A 280 -24.04 5.95 -14.66
CA PRO A 280 -23.15 5.69 -15.79
C PRO A 280 -22.13 4.60 -15.42
N VAL A 281 -21.83 3.73 -16.36
CA VAL A 281 -20.87 2.66 -16.12
C VAL A 281 -19.47 3.19 -16.38
N VAL A 282 -18.69 3.34 -15.31
CA VAL A 282 -17.34 3.86 -15.42
C VAL A 282 -16.35 2.80 -15.88
N MET A 283 -16.60 1.54 -15.52
CA MET A 283 -15.72 0.44 -15.90
C MET A 283 -16.47 -0.51 -16.83
N PRO A 284 -16.82 -0.04 -18.04
CA PRO A 284 -17.55 -0.85 -19.02
C PRO A 284 -16.99 -2.24 -19.27
N VAL A 285 -15.66 -2.36 -19.22
CA VAL A 285 -15.01 -3.63 -19.45
C VAL A 285 -15.10 -4.60 -18.28
N PHE A 286 -15.25 -4.07 -17.08
CA PHE A 286 -15.32 -4.91 -15.89
C PHE A 286 -16.72 -5.39 -15.53
N ASP A 287 -17.28 -6.21 -16.42
CA ASP A 287 -18.60 -6.78 -16.23
C ASP A 287 -18.42 -8.28 -16.09
N ARG A 288 -19.00 -8.86 -15.04
CA ARG A 288 -18.86 -10.28 -14.80
C ARG A 288 -19.41 -11.13 -15.95
N ASN A 289 -20.24 -10.53 -16.80
CA ASN A 289 -20.82 -11.28 -17.91
C ASN A 289 -20.04 -11.22 -19.22
N THR A 290 -18.93 -10.49 -19.24
CA THR A 290 -18.14 -10.38 -20.46
C THR A 290 -16.63 -10.27 -20.26
N CYS A 291 -16.21 -9.96 -19.03
CA CYS A 291 -14.80 -9.78 -18.73
C CYS A 291 -13.93 -11.01 -18.47
N SER A 292 -12.76 -11.02 -19.11
CA SER A 292 -11.80 -12.10 -18.94
C SER A 292 -10.80 -11.62 -17.89
N ILE A 293 -10.83 -12.22 -16.71
CA ILE A 293 -9.89 -11.82 -15.66
C ILE A 293 -8.44 -11.94 -16.10
N PRO A 294 -8.07 -13.02 -16.81
CA PRO A 294 -6.66 -13.12 -17.23
C PRO A 294 -6.23 -12.03 -18.21
N LYS A 295 -7.06 -11.76 -19.21
CA LYS A 295 -6.71 -10.71 -20.18
C LYS A 295 -6.66 -9.36 -19.47
N SER A 296 -7.59 -9.13 -18.56
CA SER A 296 -7.64 -7.88 -17.82
C SER A 296 -6.38 -7.67 -16.98
N GLN A 297 -5.91 -8.74 -16.34
CA GLN A 297 -4.71 -8.65 -15.53
C GLN A 297 -3.51 -8.33 -16.41
N ILE A 298 -3.45 -8.97 -17.58
CA ILE A 298 -2.38 -8.73 -18.51
C ILE A 298 -2.36 -7.26 -18.93
N SER A 299 -3.53 -6.70 -19.21
CA SER A 299 -3.62 -5.30 -19.62
C SER A 299 -3.18 -4.40 -18.49
N PHE A 300 -3.65 -4.72 -17.28
CA PHE A 300 -3.31 -3.95 -16.09
C PHE A 300 -1.79 -3.93 -15.94
N ILE A 301 -1.19 -5.12 -15.95
CA ILE A 301 0.26 -5.25 -15.82
C ILE A 301 1.00 -4.47 -16.90
N ASP A 302 0.55 -4.59 -18.15
CA ASP A 302 1.21 -3.89 -19.24
C ASP A 302 1.06 -2.38 -19.19
N TYR A 303 -0.08 -1.93 -18.67
CA TYR A 303 -0.36 -0.50 -18.59
C TYR A 303 0.25 0.23 -17.40
N PHE A 304 0.18 -0.36 -16.21
CA PHE A 304 0.72 0.30 -15.02
C PHE A 304 1.93 -0.39 -14.36
N ILE A 305 1.77 -1.66 -14.06
CA ILE A 305 2.78 -2.44 -13.35
C ILE A 305 4.20 -2.51 -13.91
N THR A 306 4.32 -2.89 -15.17
CA THR A 306 5.62 -3.04 -15.81
C THR A 306 6.61 -1.89 -15.67
N ASP A 307 6.20 -0.70 -16.09
CA ASP A 307 7.07 0.46 -16.02
C ASP A 307 7.33 0.94 -14.59
N MET A 308 6.32 0.92 -13.73
CA MET A 308 6.50 1.36 -12.36
C MET A 308 7.48 0.47 -11.59
N PHE A 309 7.30 -0.85 -11.69
CA PHE A 309 8.20 -1.75 -10.98
C PHE A 309 9.58 -1.81 -11.62
N ASP A 310 9.64 -1.54 -12.92
CA ASP A 310 10.91 -1.48 -13.63
C ASP A 310 11.73 -0.40 -12.92
N ALA A 311 11.12 0.77 -12.73
CA ALA A 311 11.78 1.90 -12.09
C ALA A 311 12.11 1.65 -10.62
N TRP A 312 11.16 1.04 -9.90
CA TRP A 312 11.34 0.76 -8.48
C TRP A 312 12.45 -0.27 -8.33
N ASP A 313 12.40 -1.32 -9.15
CA ASP A 313 13.42 -2.37 -9.13
C ASP A 313 14.81 -1.79 -9.43
N ALA A 314 14.87 -0.95 -10.45
CA ALA A 314 16.13 -0.33 -10.84
C ALA A 314 16.75 0.44 -9.68
N PHE A 315 15.90 1.03 -8.86
CA PHE A 315 16.35 1.83 -7.72
C PHE A 315 16.65 1.01 -6.47
N VAL A 316 15.84 -0.01 -6.20
CA VAL A 316 16.00 -0.80 -4.98
C VAL A 316 16.62 -2.19 -5.12
N ASP A 317 16.50 -2.77 -6.32
CA ASP A 317 17.00 -4.12 -6.63
C ASP A 317 16.04 -5.13 -6.00
N LEU A 318 15.03 -5.52 -6.78
CA LEU A 318 14.01 -6.44 -6.32
C LEU A 318 13.83 -7.61 -7.28
N PRO A 319 14.87 -8.45 -7.44
CA PRO A 319 14.81 -9.60 -8.34
C PRO A 319 13.67 -10.57 -8.08
N ASP A 320 13.36 -10.82 -6.81
CA ASP A 320 12.28 -11.74 -6.46
C ASP A 320 10.96 -11.25 -7.03
N LEU A 321 10.65 -9.98 -6.83
CA LEU A 321 9.41 -9.42 -7.34
C LEU A 321 9.34 -9.49 -8.85
N MET A 322 10.43 -9.10 -9.51
CA MET A 322 10.44 -9.09 -10.96
C MET A 322 10.33 -10.50 -11.55
N GLN A 323 10.86 -11.50 -10.86
CA GLN A 323 10.76 -12.87 -11.37
C GLN A 323 9.33 -13.37 -11.23
N HIS A 324 8.68 -13.04 -10.12
CA HIS A 324 7.29 -13.45 -9.92
C HIS A 324 6.42 -12.75 -10.95
N LEU A 325 6.66 -11.47 -11.18
CA LEU A 325 5.88 -10.72 -12.15
C LEU A 325 5.95 -11.35 -13.54
N ASP A 326 7.14 -11.82 -13.92
CA ASP A 326 7.30 -12.45 -15.23
C ASP A 326 6.55 -13.78 -15.24
N ASN A 327 6.74 -14.58 -14.20
CA ASN A 327 6.07 -15.88 -14.10
C ASN A 327 4.56 -15.71 -14.14
N ASN A 328 4.05 -14.73 -13.39
CA ASN A 328 2.62 -14.49 -13.35
C ASN A 328 2.10 -14.01 -14.70
N PHE A 329 2.83 -13.10 -15.32
CA PHE A 329 2.43 -12.59 -16.62
C PHE A 329 2.32 -13.78 -17.60
N LYS A 330 3.28 -14.69 -17.49
CA LYS A 330 3.29 -15.86 -18.36
C LYS A 330 2.12 -16.78 -18.05
N TYR A 331 1.78 -16.87 -16.75
CA TYR A 331 0.68 -17.71 -16.34
C TYR A 331 -0.62 -17.22 -16.96
N TRP A 332 -0.87 -15.91 -16.89
CA TRP A 332 -2.08 -15.34 -17.45
C TRP A 332 -2.09 -15.54 -18.97
N LYS A 333 -0.91 -15.42 -19.59
CA LYS A 333 -0.79 -15.60 -21.02
C LYS A 333 -1.05 -17.06 -21.39
N GLY A 334 -0.62 -17.97 -20.52
CA GLY A 334 -0.79 -19.38 -20.77
C GLY A 334 -2.20 -19.92 -20.56
N LEU A 335 -3.10 -19.08 -20.06
CA LEU A 335 -4.48 -19.51 -19.84
C LEU A 335 -5.38 -19.36 -21.05
N ASP A 336 -4.94 -18.61 -22.05
CA ASP A 336 -5.74 -18.43 -23.25
C ASP A 336 -6.24 -19.80 -23.70
N GLU A 337 -5.32 -20.76 -23.72
CA GLU A 337 -5.61 -22.14 -24.09
C GLU A 337 -6.60 -22.29 -25.25
N MET A 338 -6.63 -21.31 -26.15
CA MET A 338 -7.54 -21.36 -27.29
C MET A 338 -6.88 -20.84 -28.57
ZN ZN B . -4.90 -0.16 -1.25
MG MG C . -6.98 3.24 -1.94
#